data_8DQT
#
_entry.id   8DQT
#
_cell.length_a   148.510
_cell.length_b   44.590
_cell.length_c   48.210
_cell.angle_alpha   90.000
_cell.angle_beta   101.320
_cell.angle_gamma   90.000
#
_symmetry.space_group_name_H-M   'C 1 2 1'
#
loop_
_entity.id
_entity.type
_entity.pdbx_description
1 polymer '3-phosphoinositide-dependent protein kinase 1'
2 non-polymer '(2~{S})-3-methyl-2-[pentanoyl-[[4-[2-(2~{H}-1,2,3,4-tetrazol-5-yl)phenyl]phenyl]methyl]amino]butanoic acid'
3 non-polymer GLYCEROL
4 water water
#
_entity_poly.entity_id   1
_entity_poly.type   'polypeptide(L)'
_entity_poly.pdbx_seq_one_letter_code
;GAMDGTAAEPRPGAGSLQHAQPPPQPRKKRPEDFKFGKILGEGSFSTVVLARELATSREYAIKILEKRHIIKENKVPYVT
RERDVMSRLDHPFFVKLYFTFQDDEKLYFGLSYAKNGELLKYIRKIGSFDETCTRFYTAEIVSALEYLHGKGIIHRDLKP
ENILLNEDMHIQITDFGTAKVLSPESKQARAN(SEP)FVGTAQYVSPELLTEKSACKSSDLWALGCIIYQLVAGLPPFRA
GNEGLIFAKIIKLEYDFPEKFFPKARDLVEKLLVLDATKRLGCEEMEGYGPLKAHPFFESVTWENLHQQTPPKLT
;
_entity_poly.pdbx_strand_id   A
#
# COMPACT_ATOMS: atom_id res chain seq x y z
N PRO A 22 -11.33 26.62 18.40
CA PRO A 22 -10.87 25.30 17.96
C PRO A 22 -9.54 24.89 18.61
N PRO A 23 -9.13 23.62 18.43
CA PRO A 23 -7.91 23.16 19.09
C PRO A 23 -6.70 23.86 18.55
N PRO A 24 -5.68 24.08 19.37
CA PRO A 24 -4.49 24.79 18.90
C PRO A 24 -3.79 24.00 17.80
N GLN A 25 -3.38 24.69 16.75
CA GLN A 25 -2.75 24.08 15.59
C GLN A 25 -1.96 25.15 14.84
N PRO A 26 -1.01 24.77 13.99
CA PRO A 26 -0.27 25.77 13.22
C PRO A 26 -1.20 26.47 12.24
N ARG A 27 -0.78 27.67 11.83
CA ARG A 27 -1.51 28.42 10.82
C ARG A 27 -1.68 27.55 9.57
N LYS A 28 -2.87 27.60 8.98
CA LYS A 28 -3.08 26.86 7.73
C LYS A 28 -2.12 27.38 6.66
N LYS A 29 -1.58 26.46 5.89
CA LYS A 29 -0.65 26.85 4.85
C LYS A 29 -1.39 27.32 3.61
N ARG A 30 -0.66 27.94 2.70
CA ARG A 30 -1.19 28.49 1.46
C ARG A 30 -0.16 28.27 0.38
N PRO A 31 -0.56 28.28 -0.89
CA PRO A 31 0.41 28.04 -1.98
C PRO A 31 1.63 28.95 -1.91
N GLU A 32 1.45 30.22 -1.55
CA GLU A 32 2.57 31.15 -1.52
C GLU A 32 3.57 30.85 -0.40
N ASP A 33 3.26 29.91 0.49
CA ASP A 33 4.22 29.47 1.51
C ASP A 33 5.31 28.58 0.94
N PHE A 34 5.22 28.19 -0.32
CA PHE A 34 6.12 27.19 -0.90
C PHE A 34 6.73 27.71 -2.20
N LYS A 35 7.92 27.21 -2.50
CA LYS A 35 8.50 27.25 -3.84
C LYS A 35 8.30 25.86 -4.45
N PHE A 36 7.58 25.79 -5.55
CA PHE A 36 7.33 24.52 -6.22
C PHE A 36 8.45 24.21 -7.20
N GLY A 37 8.81 22.93 -7.29
CA GLY A 37 9.86 22.49 -8.19
C GLY A 37 9.32 21.46 -9.16
N LYS A 38 10.03 20.35 -9.33
CA LYS A 38 9.69 19.40 -10.39
C LYS A 38 8.40 18.64 -10.07
N ILE A 39 7.75 18.21 -11.14
CA ILE A 39 6.65 17.25 -11.00
C ILE A 39 7.23 15.89 -10.66
N LEU A 40 6.70 15.29 -9.59
CA LEU A 40 7.14 13.95 -9.18
C LEU A 40 6.25 12.86 -9.76
N GLY A 41 4.99 13.16 -10.02
CA GLY A 41 4.12 12.17 -10.60
C GLY A 41 2.87 12.80 -11.18
N GLU A 42 2.32 12.19 -12.23
CA GLU A 42 1.06 12.64 -12.78
C GLU A 42 0.05 11.51 -12.70
N GLY A 43 -1.13 11.82 -12.18
CA GLY A 43 -2.23 10.88 -12.14
C GLY A 43 -3.31 11.30 -13.12
N SER A 44 -4.33 10.44 -13.24
CA SER A 44 -5.47 10.80 -14.08
C SER A 44 -6.21 12.02 -13.54
N PHE A 45 -6.22 12.22 -12.21
CA PHE A 45 -6.89 13.40 -11.66
C PHE A 45 -6.08 14.12 -10.59
N SER A 46 -4.77 13.90 -10.53
CA SER A 46 -3.93 14.62 -9.58
C SER A 46 -2.52 14.76 -10.16
N THR A 47 -1.75 15.69 -9.60
CA THR A 47 -0.35 15.86 -9.93
C THR A 47 0.42 16.07 -8.65
N VAL A 48 1.59 15.46 -8.52
CA VAL A 48 2.40 15.59 -7.32
C VAL A 48 3.65 16.39 -7.67
N VAL A 49 3.93 17.45 -6.89
CA VAL A 49 5.02 18.38 -7.16
C VAL A 49 5.91 18.46 -5.93
N LEU A 50 7.22 18.43 -6.13
CA LEU A 50 8.13 18.68 -5.01
C LEU A 50 8.05 20.15 -4.64
N ALA A 51 7.96 20.45 -3.35
CA ALA A 51 7.83 21.83 -2.93
C ALA A 51 8.71 22.04 -1.71
N ARG A 52 9.30 23.22 -1.61
CA ARG A 52 10.09 23.62 -0.45
C ARG A 52 9.30 24.69 0.32
N GLU A 53 9.06 24.44 1.62
CA GLU A 53 8.38 25.41 2.46
C GLU A 53 9.35 26.54 2.80
N LEU A 54 9.01 27.77 2.44
CA LEU A 54 9.99 28.86 2.56
C LEU A 54 10.42 29.07 4.01
N ALA A 55 9.48 28.98 4.93
CA ALA A 55 9.75 29.35 6.33
C ALA A 55 10.60 28.31 7.08
N THR A 56 10.70 27.09 6.56
CA THR A 56 11.45 26.01 7.23
C THR A 56 12.50 25.35 6.37
N SER A 57 12.46 25.53 5.05
CA SER A 57 13.27 24.81 4.09
C SER A 57 12.93 23.31 4.03
N ARG A 58 11.85 22.88 4.67
CA ARG A 58 11.46 21.48 4.55
C ARG A 58 10.89 21.21 3.16
N GLU A 59 11.09 20.00 2.68
CA GLU A 59 10.62 19.58 1.37
C GLU A 59 9.43 18.64 1.54
N TYR A 60 8.36 18.89 0.78
CA TYR A 60 7.19 18.04 0.83
C TYR A 60 6.85 17.63 -0.59
N ALA A 61 6.20 16.49 -0.73
CA ALA A 61 5.55 16.15 -2.00
C ALA A 61 4.11 16.65 -1.90
N ILE A 62 3.73 17.65 -2.71
CA ILE A 62 2.39 18.22 -2.61
C ILE A 62 1.54 17.66 -3.73
N LYS A 63 0.49 16.95 -3.34
CA LYS A 63 -0.48 16.40 -4.28
C LYS A 63 -1.54 17.45 -4.54
N ILE A 64 -1.75 17.78 -5.81
CA ILE A 64 -2.61 18.89 -6.18
C ILE A 64 -3.73 18.36 -7.07
N LEU A 65 -4.95 18.73 -6.75
CA LEU A 65 -6.12 18.32 -7.53
C LEU A 65 -6.91 19.56 -7.92
N GLU A 66 -7.37 19.61 -9.18
CA GLU A 66 -8.20 20.71 -9.62
C GLU A 66 -9.66 20.43 -9.29
N LYS A 67 -10.30 21.40 -8.65
CA LYS A 67 -11.66 21.21 -8.15
C LYS A 67 -12.62 20.89 -9.29
N ARG A 68 -12.54 21.66 -10.38
CA ARG A 68 -13.44 21.44 -11.51
C ARG A 68 -13.31 20.02 -12.05
N HIS A 69 -12.09 19.54 -12.19
CA HIS A 69 -11.89 18.22 -12.77
C HIS A 69 -12.43 17.13 -11.87
N ILE A 70 -12.13 17.19 -10.57
CA ILE A 70 -12.62 16.14 -9.69
C ILE A 70 -14.14 16.22 -9.53
N ILE A 71 -14.71 17.42 -9.58
CA ILE A 71 -16.17 17.52 -9.54
C ILE A 71 -16.77 16.85 -10.76
N LYS A 72 -16.23 17.15 -11.93
CA LYS A 72 -16.77 16.65 -13.19
C LYS A 72 -16.63 15.14 -13.29
N GLU A 73 -15.48 14.59 -12.90
CA GLU A 73 -15.20 13.17 -13.04
C GLU A 73 -15.59 12.35 -11.82
N ASN A 74 -16.39 12.93 -10.91
CA ASN A 74 -16.93 12.23 -9.74
C ASN A 74 -15.81 11.63 -8.88
N LYS A 75 -14.77 12.42 -8.65
CA LYS A 75 -13.64 11.97 -7.85
C LYS A 75 -13.62 12.54 -6.44
N VAL A 76 -14.55 13.42 -6.08
CA VAL A 76 -14.52 14.00 -4.74
C VAL A 76 -14.58 12.96 -3.64
N PRO A 77 -15.38 11.90 -3.74
CA PRO A 77 -15.39 10.91 -2.64
C PRO A 77 -14.03 10.28 -2.42
N TYR A 78 -13.26 10.03 -3.48
CA TYR A 78 -11.94 9.42 -3.32
C TYR A 78 -10.98 10.38 -2.63
N VAL A 79 -11.07 11.66 -2.97
CA VAL A 79 -10.24 12.69 -2.37
C VAL A 79 -10.56 12.84 -0.90
N THR A 80 -11.84 12.89 -0.53
CA THR A 80 -12.23 13.00 0.86
C THR A 80 -11.84 11.73 1.64
N ARG A 81 -11.96 10.56 1.00
CA ARG A 81 -11.55 9.31 1.64
C ARG A 81 -10.06 9.30 1.90
N GLU A 82 -9.26 9.71 0.93
CA GLU A 82 -7.82 9.75 1.13
C GLU A 82 -7.45 10.62 2.32
N ARG A 83 -8.04 11.82 2.41
CA ARG A 83 -7.74 12.71 3.53
C ARG A 83 -8.18 12.09 4.84
N ASP A 84 -9.37 11.48 4.87
CA ASP A 84 -9.89 10.94 6.12
C ASP A 84 -9.04 9.77 6.62
N VAL A 85 -8.69 8.85 5.73
CA VAL A 85 -7.91 7.70 6.16
C VAL A 85 -6.50 8.11 6.54
N MET A 86 -5.83 8.90 5.69
CA MET A 86 -4.44 9.26 6.00
C MET A 86 -4.34 10.03 7.29
N SER A 87 -5.34 10.86 7.60
CA SER A 87 -5.27 11.64 8.82
C SER A 87 -5.31 10.76 10.07
N ARG A 88 -5.76 9.51 9.94
CA ARG A 88 -5.82 8.59 11.09
C ARG A 88 -4.56 7.77 11.33
N LEU A 89 -3.60 7.80 10.40
CA LEU A 89 -2.43 6.95 10.46
C LEU A 89 -1.32 7.64 11.22
N ASP A 90 -0.61 6.87 12.04
CA ASP A 90 0.52 7.40 12.76
C ASP A 90 1.52 6.26 12.95
N HIS A 91 2.19 5.90 11.86
CA HIS A 91 3.10 4.77 11.92
C HIS A 91 4.21 4.97 10.89
N PRO A 92 5.42 4.52 11.19
CA PRO A 92 6.54 4.85 10.29
C PRO A 92 6.47 4.25 8.90
N PHE A 93 5.70 3.20 8.65
CA PHE A 93 5.68 2.59 7.32
C PHE A 93 4.62 3.14 6.37
N PHE A 94 4.13 4.37 6.59
CA PHE A 94 3.14 4.97 5.72
C PHE A 94 3.58 6.37 5.32
N VAL A 95 3.23 6.74 4.08
CA VAL A 95 3.39 8.14 3.69
C VAL A 95 2.58 8.97 4.67
N LYS A 96 3.13 10.09 5.13
CA LYS A 96 2.50 10.96 6.10
C LYS A 96 1.76 12.11 5.42
N LEU A 97 0.57 12.41 5.92
CA LEU A 97 -0.19 13.59 5.50
C LEU A 97 0.00 14.65 6.58
N TYR A 98 0.84 15.65 6.29
CA TYR A 98 1.21 16.68 7.25
C TYR A 98 0.19 17.81 7.32
N PHE A 99 -0.43 18.16 6.20
CA PHE A 99 -1.36 19.30 6.16
C PHE A 99 -2.16 19.20 4.88
N THR A 100 -3.30 19.88 4.87
CA THR A 100 -4.04 20.10 3.63
C THR A 100 -4.44 21.58 3.57
N PHE A 101 -4.69 22.06 2.36
CA PHE A 101 -5.25 23.40 2.18
C PHE A 101 -5.90 23.47 0.80
N GLN A 102 -6.56 24.61 0.55
CA GLN A 102 -7.15 24.78 -0.77
C GLN A 102 -7.07 26.24 -1.17
N ASP A 103 -7.23 26.47 -2.46
CA ASP A 103 -7.45 27.81 -2.97
C ASP A 103 -8.67 27.78 -3.88
N ASP A 104 -8.90 28.84 -4.65
CA ASP A 104 -10.16 28.89 -5.39
C ASP A 104 -10.28 27.78 -6.42
N GLU A 105 -9.16 27.30 -6.96
CA GLU A 105 -9.18 26.30 -8.03
C GLU A 105 -8.71 24.91 -7.63
N LYS A 106 -7.95 24.76 -6.53
CA LYS A 106 -7.24 23.52 -6.27
C LYS A 106 -7.34 23.07 -4.81
N LEU A 107 -7.22 21.75 -4.62
CA LEU A 107 -6.97 21.15 -3.31
C LEU A 107 -5.52 20.67 -3.26
N TYR A 108 -4.93 20.75 -2.05
CA TYR A 108 -3.51 20.44 -1.85
C TYR A 108 -3.33 19.53 -0.63
N PHE A 109 -2.59 18.44 -0.81
CA PHE A 109 -2.19 17.54 0.27
C PHE A 109 -0.68 17.66 0.43
N GLY A 110 -0.23 18.02 1.63
CA GLY A 110 1.20 18.00 1.93
C GLY A 110 1.63 16.66 2.45
N LEU A 111 2.36 15.89 1.64
CA LEU A 111 2.75 14.53 1.97
C LEU A 111 4.26 14.44 2.17
N SER A 112 4.67 13.40 2.86
CA SER A 112 6.08 13.14 2.90
C SER A 112 6.57 12.74 1.51
N TYR A 113 7.83 13.07 1.24
CA TYR A 113 8.45 12.79 -0.03
C TYR A 113 9.28 11.52 0.14
N ALA A 114 8.89 10.46 -0.57
CA ALA A 114 9.59 9.18 -0.55
C ALA A 114 10.60 9.20 -1.69
N LYS A 115 11.83 9.50 -1.34
CA LYS A 115 12.83 9.90 -2.32
C LYS A 115 13.20 8.75 -3.26
N ASN A 116 13.12 7.51 -2.79
CA ASN A 116 13.55 6.39 -3.62
C ASN A 116 12.44 5.75 -4.44
N GLY A 117 11.24 6.32 -4.40
CA GLY A 117 10.19 5.93 -5.33
C GLY A 117 9.54 4.57 -5.06
N GLU A 118 8.99 3.97 -6.11
CA GLU A 118 8.19 2.76 -5.98
C GLU A 118 9.01 1.50 -5.81
N LEU A 119 8.55 0.59 -4.94
CA LEU A 119 9.15 -0.74 -4.85
C LEU A 119 9.18 -1.42 -6.22
N LEU A 120 8.13 -1.22 -7.03
CA LEU A 120 8.06 -1.81 -8.36
C LEU A 120 9.28 -1.50 -9.20
N LYS A 121 9.79 -0.27 -9.10
CA LYS A 121 10.97 0.11 -9.88
C LYS A 121 12.15 -0.81 -9.61
N TYR A 122 12.36 -1.16 -8.34
CA TYR A 122 13.47 -2.02 -7.97
C TYR A 122 13.26 -3.44 -8.44
N ILE A 123 12.03 -3.96 -8.37
CA ILE A 123 11.78 -5.29 -8.89
C ILE A 123 12.14 -5.34 -10.38
N ARG A 124 11.69 -4.33 -11.14
CA ARG A 124 11.97 -4.33 -12.57
C ARG A 124 13.46 -4.23 -12.87
N LYS A 125 14.17 -3.39 -12.11
CA LYS A 125 15.60 -3.16 -12.43
C LYS A 125 16.45 -4.38 -12.13
N ILE A 126 16.24 -4.99 -10.97
CA ILE A 126 17.07 -6.11 -10.51
C ILE A 126 16.46 -7.45 -10.89
N GLY A 127 15.21 -7.49 -11.28
CA GLY A 127 14.61 -8.73 -11.73
C GLY A 127 13.90 -9.44 -10.63
N SER A 128 14.59 -9.67 -9.52
CA SER A 128 13.92 -10.22 -8.36
C SER A 128 14.84 -10.03 -7.18
N PHE A 129 14.26 -10.13 -6.00
CA PHE A 129 15.02 -9.91 -4.78
C PHE A 129 15.63 -11.20 -4.24
N ASP A 130 16.80 -11.07 -3.62
CA ASP A 130 17.34 -12.22 -2.91
C ASP A 130 16.52 -12.52 -1.64
N GLU A 131 16.86 -13.63 -0.99
CA GLU A 131 16.02 -14.08 0.12
C GLU A 131 16.04 -13.09 1.28
N THR A 132 17.21 -12.54 1.60
CA THR A 132 17.32 -11.60 2.70
C THR A 132 16.45 -10.35 2.47
N CYS A 133 16.48 -9.81 1.25
CA CYS A 133 15.72 -8.61 0.96
C CYS A 133 14.24 -8.94 0.86
N THR A 134 13.92 -10.10 0.28
CA THR A 134 12.50 -10.51 0.25
C THR A 134 11.96 -10.61 1.66
N ARG A 135 12.72 -11.22 2.57
CA ARG A 135 12.26 -11.39 3.95
C ARG A 135 12.09 -10.04 4.63
N PHE A 136 13.06 -9.14 4.49
CA PHE A 136 13.02 -7.85 5.17
C PHE A 136 11.83 -7.02 4.69
N TYR A 137 11.67 -6.90 3.38
CA TYR A 137 10.60 -6.05 2.87
C TYR A 137 9.25 -6.68 3.13
N THR A 138 9.16 -8.00 3.01
CA THR A 138 7.92 -8.69 3.40
C THR A 138 7.57 -8.40 4.85
N ALA A 139 8.57 -8.49 5.74
CA ALA A 139 8.29 -8.23 7.14
C ALA A 139 7.81 -6.80 7.35
N GLU A 140 8.40 -5.83 6.66
CA GLU A 140 7.88 -4.46 6.82
C GLU A 140 6.44 -4.38 6.35
N ILE A 141 6.11 -5.00 5.22
CA ILE A 141 4.73 -4.93 4.75
C ILE A 141 3.78 -5.60 5.74
N VAL A 142 4.14 -6.79 6.22
CA VAL A 142 3.33 -7.47 7.26
C VAL A 142 3.12 -6.56 8.46
N SER A 143 4.17 -5.89 8.91
CA SER A 143 4.03 -5.02 10.10
C SER A 143 3.11 -3.84 9.80
N ALA A 144 3.20 -3.29 8.60
CA ALA A 144 2.34 -2.18 8.24
C ALA A 144 0.89 -2.63 8.17
N LEU A 145 0.65 -3.83 7.62
CA LEU A 145 -0.70 -4.37 7.54
C LEU A 145 -1.25 -4.69 8.91
N GLU A 146 -0.40 -5.18 9.82
CA GLU A 146 -0.87 -5.44 11.18
C GLU A 146 -1.36 -4.15 11.81
N TYR A 147 -0.62 -3.06 11.63
CA TYR A 147 -1.05 -1.75 12.14
C TYR A 147 -2.38 -1.33 11.52
N LEU A 148 -2.50 -1.42 10.19
CA LEU A 148 -3.70 -0.94 9.51
C LEU A 148 -4.90 -1.76 9.95
N HIS A 149 -4.76 -3.07 9.91
CA HIS A 149 -5.85 -3.95 10.31
C HIS A 149 -6.21 -3.78 11.79
N GLY A 150 -5.25 -3.45 12.63
CA GLY A 150 -5.57 -3.18 14.03
C GLY A 150 -6.42 -1.96 14.20
N LYS A 151 -6.40 -1.05 13.24
CA LYS A 151 -7.26 0.14 13.25
C LYS A 151 -8.54 -0.09 12.48
N GLY A 152 -8.79 -1.32 12.04
CA GLY A 152 -9.95 -1.60 11.23
C GLY A 152 -9.95 -0.98 9.85
N ILE A 153 -8.78 -0.78 9.23
CA ILE A 153 -8.66 -0.16 7.93
C ILE A 153 -8.21 -1.23 6.94
N ILE A 154 -8.93 -1.38 5.82
CA ILE A 154 -8.52 -2.22 4.68
C ILE A 154 -7.91 -1.31 3.63
N HIS A 155 -6.73 -1.67 3.11
CA HIS A 155 -6.13 -0.84 2.05
C HIS A 155 -6.85 -1.04 0.72
N ARG A 156 -7.05 -2.28 0.31
CA ARG A 156 -7.76 -2.71 -0.89
C ARG A 156 -7.01 -2.51 -2.21
N ASP A 157 -5.92 -1.76 -2.25
CA ASP A 157 -5.16 -1.61 -3.49
C ASP A 157 -3.68 -1.76 -3.21
N LEU A 158 -3.30 -2.75 -2.41
CA LEU A 158 -1.90 -2.92 -2.09
C LEU A 158 -1.19 -3.55 -3.29
N LYS A 159 -0.07 -2.97 -3.66
CA LYS A 159 0.69 -3.44 -4.82
C LYS A 159 2.02 -2.72 -4.80
N PRO A 160 3.03 -3.22 -5.56
CA PRO A 160 4.35 -2.61 -5.45
C PRO A 160 4.41 -1.16 -5.89
N GLU A 161 3.52 -0.73 -6.78
CA GLU A 161 3.49 0.67 -7.16
C GLU A 161 3.05 1.58 -6.01
N ASN A 162 2.35 1.04 -5.03
CA ASN A 162 1.85 1.80 -3.89
C ASN A 162 2.68 1.58 -2.64
N ILE A 163 3.82 0.91 -2.75
CA ILE A 163 4.75 0.73 -1.63
C ILE A 163 5.98 1.55 -1.98
N LEU A 164 6.08 2.76 -1.47
CA LEU A 164 7.20 3.64 -1.77
C LEU A 164 8.35 3.35 -0.84
N LEU A 165 9.48 3.97 -1.13
CA LEU A 165 10.71 3.77 -0.36
C LEU A 165 11.27 5.13 0.00
N ASN A 166 11.54 5.34 1.28
CA ASN A 166 12.12 6.61 1.70
C ASN A 166 13.63 6.61 1.46
N GLU A 167 14.27 7.71 1.86
CA GLU A 167 15.71 7.89 1.66
C GLU A 167 16.52 6.78 2.31
N ASP A 168 16.03 6.22 3.41
CA ASP A 168 16.69 5.14 4.13
C ASP A 168 16.26 3.76 3.66
N MET A 169 15.47 3.66 2.59
CA MET A 169 15.03 2.41 2.02
C MET A 169 14.08 1.62 2.92
N HIS A 170 13.33 2.32 3.80
CA HIS A 170 12.20 1.71 4.49
C HIS A 170 10.93 1.98 3.70
N ILE A 171 9.94 1.08 3.83
CA ILE A 171 8.70 1.25 3.06
C ILE A 171 7.89 2.43 3.56
N GLN A 172 7.09 2.98 2.63
CA GLN A 172 6.12 4.04 2.89
C GLN A 172 4.90 3.73 2.03
N ILE A 173 3.91 3.06 2.62
CA ILE A 173 2.70 2.68 1.88
C ILE A 173 1.84 3.91 1.65
N THR A 174 1.28 3.97 0.44
CA THR A 174 0.50 5.14 0.05
C THR A 174 -0.76 4.69 -0.68
N ASP A 175 -1.53 5.68 -1.15
CA ASP A 175 -2.72 5.53 -1.99
C ASP A 175 -3.90 5.04 -1.15
N PHE A 176 -4.48 5.94 -0.36
CA PHE A 176 -5.54 5.59 0.56
C PHE A 176 -6.91 6.08 0.12
N GLY A 177 -7.03 6.61 -1.10
CA GLY A 177 -8.33 7.05 -1.57
C GLY A 177 -9.29 5.91 -1.83
N THR A 178 -8.80 4.69 -1.98
CA THR A 178 -9.66 3.53 -2.10
C THR A 178 -9.64 2.63 -0.88
N ALA A 179 -9.06 3.10 0.23
CA ALA A 179 -9.09 2.38 1.48
C ALA A 179 -10.44 2.53 2.16
N LYS A 180 -10.68 1.71 3.19
CA LYS A 180 -11.97 1.75 3.90
C LYS A 180 -11.74 1.62 5.40
N VAL A 181 -12.33 2.52 6.18
CA VAL A 181 -12.38 2.37 7.63
C VAL A 181 -13.64 1.58 7.95
N LEU A 182 -13.48 0.35 8.40
CA LEU A 182 -14.62 -0.45 8.80
C LEU A 182 -15.25 0.11 10.07
N SER A 183 -16.58 0.04 10.15
CA SER A 183 -17.27 0.60 11.30
C SER A 183 -17.10 -0.28 12.53
N PRO A 184 -16.48 0.21 13.59
CA PRO A 184 -16.45 -0.58 14.83
C PRO A 184 -17.83 -0.76 15.44
N GLU A 185 -18.73 0.22 15.26
CA GLU A 185 -20.03 0.17 15.92
C GLU A 185 -20.84 -1.05 15.48
N SER A 186 -20.73 -1.41 14.21
CA SER A 186 -21.48 -2.55 13.68
C SER A 186 -20.63 -3.79 13.53
N LYS A 187 -19.40 -3.78 14.02
CA LYS A 187 -18.46 -4.90 13.83
C LYS A 187 -18.35 -5.27 12.35
N GLN A 188 -18.28 -4.23 11.52
CA GLN A 188 -18.26 -4.44 10.08
C GLN A 188 -17.02 -5.20 9.67
N ALA A 189 -17.20 -6.24 8.86
CA ALA A 189 -16.07 -7.00 8.37
C ALA A 189 -15.89 -6.89 6.87
N ARG A 190 -16.94 -6.58 6.13
CA ARG A 190 -16.92 -6.55 4.68
C ARG A 190 -17.26 -5.16 4.17
N ALA A 191 -16.56 -4.73 3.14
CA ALA A 191 -16.76 -3.45 2.47
C ALA A 191 -17.22 -3.71 1.04
N ASN A 192 -18.10 -2.85 0.55
CA ASN A 192 -18.81 -3.11 -0.69
C ASN A 192 -18.36 -2.36 -1.95
N PHE A 194 -16.33 -1.47 -5.17
CA PHE A 194 -15.46 -2.24 -6.03
C PHE A 194 -14.26 -1.43 -6.44
N VAL A 195 -13.10 -1.75 -5.87
CA VAL A 195 -11.87 -1.01 -6.08
C VAL A 195 -10.72 -2.00 -6.11
N GLY A 196 -9.61 -1.55 -6.67
CA GLY A 196 -8.39 -2.34 -6.66
C GLY A 196 -7.75 -2.37 -8.03
N THR A 197 -6.80 -3.29 -8.21
CA THR A 197 -6.02 -3.46 -9.44
C THR A 197 -6.05 -4.93 -9.79
N ALA A 198 -6.31 -5.23 -11.07
CA ALA A 198 -6.67 -6.60 -11.44
C ALA A 198 -5.67 -7.64 -10.93
N GLN A 199 -4.35 -7.37 -11.08
CA GLN A 199 -3.36 -8.40 -10.72
C GLN A 199 -3.41 -8.79 -9.25
N TYR A 200 -3.90 -7.90 -8.38
CA TYR A 200 -3.83 -8.09 -6.94
C TYR A 200 -5.21 -8.22 -6.31
N VAL A 201 -6.28 -8.16 -7.10
CA VAL A 201 -7.62 -8.20 -6.52
C VAL A 201 -7.92 -9.59 -6.00
N SER A 202 -8.64 -9.65 -4.87
CA SER A 202 -8.91 -10.92 -4.22
C SER A 202 -10.09 -11.64 -4.86
N PRO A 203 -10.16 -12.97 -4.74
CA PRO A 203 -11.28 -13.71 -5.34
C PRO A 203 -12.60 -13.35 -4.73
N GLU A 204 -12.63 -13.02 -3.44
CA GLU A 204 -13.90 -12.64 -2.82
C GLU A 204 -14.43 -11.35 -3.41
N LEU A 205 -13.55 -10.39 -3.75
CA LEU A 205 -14.09 -9.17 -4.34
C LEU A 205 -14.70 -9.48 -5.72
N LEU A 206 -14.07 -10.36 -6.49
CA LEU A 206 -14.59 -10.68 -7.81
C LEU A 206 -15.90 -11.44 -7.72
N THR A 207 -16.01 -12.38 -6.79
CA THR A 207 -17.13 -13.30 -6.77
C THR A 207 -18.24 -12.86 -5.83
N GLU A 208 -17.89 -12.31 -4.67
CA GLU A 208 -18.89 -11.87 -3.69
C GLU A 208 -19.11 -10.38 -3.71
N LYS A 209 -18.29 -9.64 -4.46
CA LYS A 209 -18.36 -8.19 -4.59
C LYS A 209 -18.18 -7.47 -3.25
N SER A 210 -17.46 -8.09 -2.31
CA SER A 210 -17.01 -7.37 -1.12
C SER A 210 -15.59 -7.80 -0.76
N ALA A 211 -14.90 -6.90 -0.06
CA ALA A 211 -13.54 -7.12 0.41
C ALA A 211 -13.55 -7.13 1.92
N CYS A 212 -12.47 -7.68 2.51
CA CYS A 212 -12.30 -7.75 3.95
C CYS A 212 -10.83 -7.53 4.23
N LYS A 213 -10.44 -7.52 5.50
CA LYS A 213 -9.02 -7.35 5.81
C LYS A 213 -8.18 -8.41 5.12
N SER A 214 -8.68 -9.64 5.08
CA SER A 214 -7.96 -10.73 4.42
C SER A 214 -7.69 -10.47 2.94
N SER A 215 -8.45 -9.57 2.29
CA SER A 215 -8.17 -9.24 0.90
C SER A 215 -6.78 -8.62 0.75
N ASP A 216 -6.32 -7.87 1.75
CA ASP A 216 -4.96 -7.35 1.73
C ASP A 216 -3.92 -8.46 1.88
N LEU A 217 -4.26 -9.53 2.61
CA LEU A 217 -3.33 -10.64 2.75
C LEU A 217 -3.19 -11.41 1.43
N TRP A 218 -4.27 -11.48 0.66
CA TRP A 218 -4.15 -12.02 -0.69
C TRP A 218 -3.17 -11.18 -1.52
N ALA A 219 -3.31 -9.86 -1.46
CA ALA A 219 -2.40 -9.00 -2.20
C ALA A 219 -0.98 -9.18 -1.71
N LEU A 220 -0.81 -9.38 -0.40
CA LEU A 220 0.52 -9.63 0.14
C LEU A 220 1.12 -10.87 -0.46
N GLY A 221 0.35 -11.95 -0.53
CA GLY A 221 0.83 -13.14 -1.22
C GLY A 221 1.31 -12.87 -2.63
N CYS A 222 0.53 -12.11 -3.41
CA CYS A 222 0.94 -11.78 -4.78
C CYS A 222 2.22 -10.98 -4.77
N ILE A 223 2.39 -10.07 -3.81
CA ILE A 223 3.59 -9.24 -3.75
C ILE A 223 4.82 -10.07 -3.40
N ILE A 224 4.71 -10.98 -2.41
CA ILE A 224 5.86 -11.81 -2.09
C ILE A 224 6.24 -12.62 -3.32
N TYR A 225 5.26 -13.21 -3.96
CA TYR A 225 5.52 -13.95 -5.20
C TYR A 225 6.27 -13.09 -6.21
N GLN A 226 5.84 -11.85 -6.40
CA GLN A 226 6.46 -10.96 -7.38
C GLN A 226 7.88 -10.58 -6.99
N LEU A 227 8.15 -10.43 -5.70
CA LEU A 227 9.50 -10.10 -5.27
C LEU A 227 10.47 -11.21 -5.65
N VAL A 228 10.03 -12.46 -5.54
CA VAL A 228 10.92 -13.59 -5.77
C VAL A 228 10.95 -13.96 -7.24
N ALA A 229 9.78 -14.00 -7.89
CA ALA A 229 9.64 -14.50 -9.26
C ALA A 229 9.83 -13.40 -10.32
N GLY A 230 9.66 -12.13 -9.96
CA GLY A 230 9.83 -11.01 -10.86
C GLY A 230 8.58 -10.61 -11.60
N LEU A 231 7.50 -11.36 -11.46
CA LEU A 231 6.22 -11.11 -12.11
C LEU A 231 5.15 -11.43 -11.10
N PRO A 232 4.00 -10.75 -11.16
CA PRO A 232 2.89 -11.14 -10.30
C PRO A 232 2.38 -12.50 -10.72
N PRO A 233 1.73 -13.24 -9.81
CA PRO A 233 1.40 -14.64 -10.11
C PRO A 233 0.27 -14.79 -11.13
N PHE A 234 -0.71 -13.88 -11.11
CA PHE A 234 -1.82 -13.86 -12.05
C PHE A 234 -1.57 -12.72 -13.02
N ARG A 235 -1.36 -13.06 -14.27
CA ARG A 235 -0.92 -12.05 -15.20
C ARG A 235 -1.42 -12.47 -16.58
N ALA A 236 -1.79 -11.47 -17.37
CA ALA A 236 -2.31 -11.70 -18.71
C ALA A 236 -2.40 -10.34 -19.38
N GLY A 237 -2.68 -10.38 -20.67
CA GLY A 237 -2.75 -9.16 -21.46
C GLY A 237 -3.86 -8.24 -21.02
N ASN A 238 -4.99 -8.81 -20.61
CA ASN A 238 -6.16 -8.01 -20.26
C ASN A 238 -6.76 -8.49 -18.94
N GLU A 239 -7.57 -7.60 -18.35
CA GLU A 239 -8.05 -7.82 -16.98
C GLU A 239 -8.94 -9.05 -16.88
N GLY A 240 -9.86 -9.26 -17.83
CA GLY A 240 -10.78 -10.37 -17.69
C GLY A 240 -10.07 -11.70 -17.61
N LEU A 241 -9.00 -11.86 -18.38
CA LEU A 241 -8.23 -13.10 -18.34
C LEU A 241 -7.57 -13.29 -16.98
N ILE A 242 -7.07 -12.21 -16.38
CA ILE A 242 -6.53 -12.29 -15.02
C ILE A 242 -7.60 -12.74 -14.03
N PHE A 243 -8.79 -12.15 -14.10
CA PHE A 243 -9.88 -12.58 -13.21
C PHE A 243 -10.13 -14.07 -13.33
N ALA A 244 -10.16 -14.59 -14.57
CA ALA A 244 -10.47 -15.99 -14.74
C ALA A 244 -9.43 -16.87 -14.05
N LYS A 245 -8.15 -16.47 -14.09
CA LYS A 245 -7.10 -17.22 -13.42
C LYS A 245 -7.20 -17.13 -11.90
N ILE A 246 -7.51 -15.94 -11.38
CA ILE A 246 -7.61 -15.76 -9.94
C ILE A 246 -8.63 -16.74 -9.37
N ILE A 247 -9.83 -16.80 -9.98
CA ILE A 247 -10.90 -17.56 -9.35
C ILE A 247 -10.65 -19.06 -9.40
N LYS A 248 -9.79 -19.50 -10.31
CA LYS A 248 -9.36 -20.89 -10.42
C LYS A 248 -8.08 -21.18 -9.63
N LEU A 249 -7.51 -20.17 -8.97
CA LEU A 249 -6.19 -20.30 -8.34
C LEU A 249 -5.17 -20.84 -9.32
N GLU A 250 -5.21 -20.31 -10.55
CA GLU A 250 -4.38 -20.81 -11.65
C GLU A 250 -3.09 -20.02 -11.70
N TYR A 251 -2.04 -20.55 -11.07
CA TYR A 251 -0.70 -19.95 -11.10
C TYR A 251 0.30 -21.06 -10.79
N ASP A 252 1.58 -20.76 -11.05
CA ASP A 252 2.64 -21.72 -10.75
C ASP A 252 3.87 -20.99 -10.23
N PHE A 253 4.74 -21.75 -9.54
CA PHE A 253 5.99 -21.18 -9.09
C PHE A 253 7.13 -21.52 -10.07
N PRO A 254 8.05 -20.58 -10.29
CA PRO A 254 9.28 -20.94 -11.00
C PRO A 254 10.14 -21.84 -10.13
N GLU A 255 11.08 -22.56 -10.75
CA GLU A 255 11.64 -23.73 -10.06
C GLU A 255 12.52 -23.40 -8.84
N LYS A 256 13.26 -22.27 -8.81
CA LYS A 256 14.21 -21.98 -7.72
C LYS A 256 13.63 -21.11 -6.58
N PHE A 257 12.33 -21.06 -6.47
CA PHE A 257 11.68 -20.15 -5.55
C PHE A 257 11.97 -20.58 -4.11
N PHE A 258 12.45 -19.65 -3.28
CA PHE A 258 12.88 -20.00 -1.93
C PHE A 258 11.80 -20.85 -1.25
N PRO A 259 12.12 -22.07 -0.79
CA PRO A 259 11.05 -22.97 -0.32
C PRO A 259 10.16 -22.43 0.80
N LYS A 260 10.73 -21.73 1.78
CA LYS A 260 9.89 -21.23 2.86
C LYS A 260 9.02 -20.08 2.40
N ALA A 261 9.51 -19.30 1.45
CA ALA A 261 8.68 -18.25 0.85
C ALA A 261 7.56 -18.88 0.02
N ARG A 262 7.83 -19.98 -0.68
CA ARG A 262 6.76 -20.65 -1.40
C ARG A 262 5.70 -21.17 -0.45
N ASP A 263 6.12 -21.74 0.69
CA ASP A 263 5.14 -22.22 1.65
C ASP A 263 4.26 -21.07 2.15
N LEU A 264 4.89 -19.94 2.45
CA LEU A 264 4.13 -18.75 2.89
C LEU A 264 3.16 -18.30 1.80
N VAL A 265 3.60 -18.22 0.55
CA VAL A 265 2.69 -17.75 -0.50
C VAL A 265 1.50 -18.68 -0.62
N GLU A 266 1.75 -19.99 -0.55
CA GLU A 266 0.69 -20.98 -0.59
C GLU A 266 -0.30 -20.83 0.56
N LYS A 267 0.12 -20.25 1.69
CA LYS A 267 -0.76 -20.04 2.82
C LYS A 267 -1.49 -18.71 2.78
N LEU A 268 -1.16 -17.86 1.81
CA LEU A 268 -1.83 -16.57 1.61
C LEU A 268 -2.73 -16.57 0.38
N LEU A 269 -2.27 -17.17 -0.71
CA LEU A 269 -3.04 -17.30 -1.94
C LEU A 269 -4.01 -18.48 -1.80
N VAL A 270 -5.00 -18.26 -0.95
CA VAL A 270 -6.02 -19.26 -0.64
C VAL A 270 -7.35 -18.65 -1.02
N LEU A 271 -8.18 -19.42 -1.76
CA LEU A 271 -9.43 -18.86 -2.24
C LEU A 271 -10.36 -18.45 -1.10
N ASP A 272 -10.47 -19.29 -0.05
CA ASP A 272 -11.32 -18.99 1.10
C ASP A 272 -10.64 -17.93 1.95
N ALA A 273 -11.21 -16.73 2.00
CA ALA A 273 -10.60 -15.63 2.73
C ALA A 273 -10.47 -15.88 4.22
N THR A 274 -11.21 -16.84 4.77
CA THR A 274 -11.08 -17.15 6.19
C THR A 274 -9.95 -18.11 6.51
N LYS A 275 -9.22 -18.58 5.49
CA LYS A 275 -8.16 -19.55 5.67
C LYS A 275 -6.78 -19.01 5.31
N ARG A 276 -6.62 -17.69 5.20
CA ARG A 276 -5.33 -17.11 4.87
C ARG A 276 -4.56 -16.85 6.15
N LEU A 277 -3.28 -17.23 6.18
CA LEU A 277 -2.48 -17.00 7.36
C LEU A 277 -2.41 -15.51 7.65
N GLY A 278 -2.68 -15.11 8.90
CA GLY A 278 -2.75 -13.73 9.27
C GLY A 278 -4.16 -13.18 9.45
N CYS A 279 -5.17 -13.84 8.85
CA CYS A 279 -6.49 -13.27 8.99
C CYS A 279 -7.10 -13.59 10.36
N GLU A 280 -8.18 -12.88 10.67
CA GLU A 280 -8.74 -13.01 12.02
C GLU A 280 -9.22 -14.43 12.29
N GLU A 281 -9.83 -15.08 11.29
CA GLU A 281 -10.34 -16.44 11.45
C GLU A 281 -9.23 -17.45 11.62
N MET A 282 -8.00 -17.07 11.29
CA MET A 282 -6.80 -17.88 11.49
C MET A 282 -6.01 -17.39 12.69
N GLU A 283 -6.62 -16.57 13.53
CA GLU A 283 -6.08 -16.13 14.81
C GLU A 283 -5.01 -15.05 14.65
N GLY A 284 -4.98 -14.37 13.50
CA GLY A 284 -4.36 -13.06 13.42
C GLY A 284 -2.89 -13.09 13.05
N TYR A 285 -2.23 -11.98 13.43
CA TYR A 285 -0.83 -11.76 12.98
C TYR A 285 0.21 -12.62 13.69
N GLY A 286 -0.07 -13.10 14.91
CA GLY A 286 0.87 -13.93 15.61
C GLY A 286 1.33 -15.11 14.78
N PRO A 287 0.39 -15.94 14.29
CA PRO A 287 0.79 -17.10 13.50
C PRO A 287 1.50 -16.73 12.21
N LEU A 288 1.18 -15.57 11.60
CA LEU A 288 1.84 -15.18 10.36
C LEU A 288 3.28 -14.77 10.64
N LYS A 289 3.46 -13.96 11.69
CA LYS A 289 4.82 -13.55 12.05
C LYS A 289 5.70 -14.72 12.49
N ALA A 290 5.08 -15.81 12.92
CA ALA A 290 5.76 -17.02 13.38
C ALA A 290 6.07 -17.96 12.24
N HIS A 291 5.69 -17.62 11.00
CA HIS A 291 5.96 -18.51 9.90
C HIS A 291 7.47 -18.74 9.75
N PRO A 292 7.90 -19.95 9.40
CA PRO A 292 9.35 -20.19 9.27
C PRO A 292 10.10 -19.23 8.35
N PHE A 293 9.45 -18.68 7.31
CA PHE A 293 10.14 -17.72 6.46
C PHE A 293 10.69 -16.54 7.25
N PHE A 294 10.07 -16.22 8.39
CA PHE A 294 10.43 -15.06 9.18
C PHE A 294 11.29 -15.40 10.40
N GLU A 295 11.84 -16.62 10.45
CA GLU A 295 12.55 -17.06 11.66
C GLU A 295 13.55 -16.02 12.16
N SER A 296 14.32 -15.41 11.28
CA SER A 296 15.36 -14.50 11.77
C SER A 296 14.87 -13.08 12.05
N VAL A 297 13.58 -12.78 11.85
CA VAL A 297 13.13 -11.38 11.86
C VAL A 297 12.98 -10.90 13.30
N THR A 298 13.46 -9.70 13.56
CA THR A 298 13.19 -9.00 14.81
C THR A 298 12.07 -8.01 14.48
N TRP A 299 10.85 -8.32 14.95
CA TRP A 299 9.67 -7.61 14.52
C TRP A 299 9.47 -6.28 15.23
N GLU A 300 10.15 -6.06 16.36
CA GLU A 300 9.73 -4.99 17.26
C GLU A 300 10.07 -3.61 16.73
N ASN A 301 11.17 -3.46 15.99
CA ASN A 301 11.71 -2.14 15.64
C ASN A 301 12.29 -2.15 14.22
N LEU A 302 11.53 -2.71 13.27
CA LEU A 302 12.07 -2.85 11.91
C LEU A 302 12.48 -1.49 11.34
N HIS A 303 11.73 -0.44 11.63
CA HIS A 303 12.02 0.86 11.01
C HIS A 303 13.32 1.45 11.51
N GLN A 304 13.91 0.89 12.58
CA GLN A 304 15.19 1.35 13.09
C GLN A 304 16.33 0.48 12.60
N GLN A 305 16.02 -0.64 11.95
CA GLN A 305 17.03 -1.55 11.42
C GLN A 305 17.53 -1.06 10.06
N THR A 306 18.79 -1.36 9.75
CA THR A 306 19.34 -0.98 8.46
C THR A 306 18.86 -1.98 7.41
N PRO A 307 18.16 -1.52 6.35
CA PRO A 307 17.69 -2.48 5.36
C PRO A 307 18.86 -3.15 4.66
N PRO A 308 18.68 -4.40 4.24
CA PRO A 308 19.74 -5.07 3.48
C PRO A 308 19.88 -4.42 2.11
N LYS A 309 21.10 -4.51 1.57
CA LYS A 309 21.33 -3.95 0.25
C LYS A 309 20.73 -4.83 -0.84
N LEU A 310 20.10 -4.19 -1.82
CA LEU A 310 19.40 -4.92 -2.88
C LEU A 310 20.35 -5.55 -3.87
N THR A 311 21.53 -4.97 -4.06
CA THR A 311 22.52 -5.47 -5.00
C THR A 311 23.88 -5.50 -4.32
#